data_9OLA
#
_entry.id   9OLA
#
loop_
_entity.id
_entity.type
_entity.pdbx_description
1 polymer '(ACE)SKTFIQV(DPR)(4G6) peptide'
2 polymer '(ACE)KNVL(A1CCQ)RR peptide'
#
loop_
_entity_poly.entity_id
_entity_poly.type
_entity_poly.pdbx_seq_one_letter_code
_entity_poly.pdbx_strand_id
1 'polypeptide(L)' (ACE)SKTFIQV(DPR)(4G6) A
2 'polypeptide(L)' (ACE)KNVL(A1CCQ)RR B
#
loop_
_chem_comp.id
_chem_comp.type
_chem_comp.name
_chem_comp.formula
4G6 non-polymer 2-methylpropane-1,2-diamine 'C4 H12 N2'
ACE non-polymer 'ACETYL GROUP' 'C2 H4 O'
#
# COMPACT_ATOMS: atom_id res chain seq x y z
C ACE A 1 -2.31 0.13 12.69
O ACE A 1 -2.89 1.21 12.82
CH3 ACE A 1 -2.69 -1.06 13.53
H1 ACE A 1 -3.48 -0.76 14.21
H2 ACE A 1 -1.84 -1.40 14.08
H3 ACE A 1 -3.03 -1.85 12.86
N SER A 2 -1.30 -0.04 11.86
CA SER A 2 -0.87 1.01 10.95
C SER A 2 -0.71 0.45 9.54
N LYS A 3 -1.70 0.71 8.70
CA LYS A 3 -1.68 0.20 7.33
C LYS A 3 -1.20 1.29 6.37
N THR A 4 -0.24 0.92 5.54
CA THR A 4 0.32 1.84 4.59
C THR A 4 -0.10 1.47 3.17
N PHE A 5 -0.60 2.45 2.43
CA PHE A 5 -1.08 2.23 1.08
C PHE A 5 -0.10 2.80 0.07
N ILE A 6 0.81 1.96 -0.39
CA ILE A 6 1.82 2.37 -1.34
C ILE A 6 1.24 2.39 -2.75
N GLN A 7 1.30 3.54 -3.40
CA GLN A 7 0.79 3.67 -4.75
C GLN A 7 1.84 3.22 -5.75
N VAL A 8 1.47 2.27 -6.60
CA VAL A 8 2.36 1.74 -7.61
C VAL A 8 1.87 2.17 -8.98
N DPR A 9 2.61 3.09 -9.63
CA DPR A 9 2.19 3.66 -10.91
CB DPR A 9 3.25 4.71 -11.22
CG DPR A 9 4.44 4.27 -10.44
CD DPR A 9 3.90 3.61 -9.19
C DPR A 9 0.80 4.31 -10.81
O DPR A 9 0.62 5.27 -10.05
HA DPR A 9 2.17 2.92 -11.69
HB2 DPR A 9 2.91 5.67 -10.88
HB3 DPR A 9 3.45 4.73 -12.27
HG2 DPR A 9 5.05 5.13 -10.17
HG3 DPR A 9 5.02 3.56 -11.02
HD2 DPR A 9 3.78 4.34 -8.40
HD3 DPR A 9 4.56 2.82 -8.88
CAA 4G6 A 10 -2.34 3.39 -12.52
CAF 4G6 A 10 -1.53 4.23 -11.56
CAB 4G6 A 10 -1.59 5.67 -12.05
NAD 4G6 A 10 -0.15 3.74 -11.54
CAE 4G6 A 10 -2.11 4.12 -10.15
N 4G6 A 10 -1.90 2.77 -9.63
HAC 4G6 A 10 -2.37 2.37 -12.18
HAB 4G6 A 10 -3.35 3.77 -12.57
HAA 4G6 A 10 -1.90 3.42 -13.50
HAF 4G6 A 10 -0.58 6.08 -12.07
HAD 4G6 A 10 -2.19 6.25 -11.38
HAE 4G6 A 10 -2.01 5.69 -13.04
HAL 4G6 A 10 0.08 2.97 -12.08
HAH 4G6 A 10 -3.18 4.33 -10.17
HAG 4G6 A 10 -1.63 4.83 -9.51
H 4G6 A 10 -0.98 2.46 -9.56
C ACE B 1 1.48 -7.49 3.48
O ACE B 1 0.41 -7.73 2.93
CH3 ACE B 1 2.73 -7.28 2.66
H1 ACE B 1 2.44 -6.96 1.66
H2 ACE B 1 3.26 -8.21 2.59
H3 ACE B 1 3.35 -6.54 3.15
N LYS B 2 1.62 -7.40 4.80
CA LYS B 2 0.47 -7.55 5.69
C LYS B 2 -0.23 -6.21 5.86
N ASN B 3 0.44 -5.26 6.52
CA ASN B 3 -0.11 -3.94 6.71
C ASN B 3 0.29 -3.03 5.55
N VAL B 4 1.10 -3.57 4.65
CA VAL B 4 1.51 -2.85 3.47
C VAL B 4 0.59 -3.19 2.30
N LEU B 5 -0.31 -2.28 1.99
CA LEU B 5 -1.26 -2.49 0.92
C LEU B 5 -0.91 -1.62 -0.26
N A1CCQ B 6 -1.04 -2.13 -1.49
CA A1CCQ B 6 -0.66 -1.39 -2.69
C A1CCQ B 6 -1.85 -0.82 -3.45
O A1CCQ B 6 -2.95 -1.36 -3.40
CB A1CCQ B 6 0.10 -2.41 -3.56
CG A1CCQ B 6 1.40 -2.88 -2.94
CD1 A1CCQ B 6 2.54 -2.08 -2.98
CD2 A1CCQ B 6 1.49 -4.12 -2.31
CE1 A1CCQ B 6 3.72 -2.51 -2.43
CE2 A1CCQ B 6 2.68 -4.55 -1.75
CZ A1CCQ B 6 3.79 -3.74 -1.82
OH A1CCQ B 6 4.98 -4.17 -1.26
NM A1CCQ B 6 -1.59 -3.45 -1.67
HA A1CCQ B 6 0.01 -0.57 -2.44
HB3 A1CCQ B 6 -0.54 -3.27 -3.70
H1 A1CCQ B 6 0.32 -1.97 -4.51
HD1 A1CCQ B 6 2.49 -1.12 -3.47
HD2 A1CCQ B 6 0.61 -4.75 -2.26
HE1 A1CCQ B 6 4.61 -1.88 -2.47
HE2 A1CCQ B 6 2.73 -5.51 -1.27
HH A1CCQ B 6 5.37 -3.45 -0.75
HM2 A1CCQ B 6 -2.44 -3.30 -1.54
HM1 A1CCQ B 6 -1.12 -3.91 -1.11
N ARG B 7 -1.62 0.28 -4.15
CA ARG B 7 -2.65 0.92 -4.95
C ARG B 7 -2.17 1.12 -6.38
N ARG B 8 -2.82 0.46 -7.32
CA ARG B 8 -2.46 0.60 -8.73
C ARG B 8 -2.88 1.97 -9.25
C ACE A 1 -4.32 2.60 12.48
O ACE A 1 -5.44 2.82 12.01
CH3 ACE A 1 -4.13 2.23 13.92
H1 ACE A 1 -3.91 1.17 13.98
H2 ACE A 1 -5.05 2.44 14.46
H3 ACE A 1 -3.33 2.84 14.33
N SER A 2 -3.22 2.68 11.74
CA SER A 2 -3.27 3.02 10.33
C SER A 2 -2.46 2.03 9.50
N LYS A 3 -2.92 1.76 8.28
CA LYS A 3 -2.23 0.84 7.39
C LYS A 3 -1.45 1.64 6.36
N THR A 4 -0.40 1.04 5.81
CA THR A 4 0.43 1.74 4.85
C THR A 4 -0.01 1.43 3.43
N PHE A 5 -0.36 2.48 2.70
CA PHE A 5 -0.85 2.34 1.34
C PHE A 5 0.17 2.87 0.34
N ILE A 6 0.85 1.96 -0.34
CA ILE A 6 1.84 2.34 -1.33
C ILE A 6 1.25 2.32 -2.73
N GLN A 7 1.32 3.44 -3.41
CA GLN A 7 0.77 3.54 -4.75
C GLN A 7 1.83 3.22 -5.79
N VAL A 8 1.51 2.29 -6.67
CA VAL A 8 2.40 1.89 -7.74
C VAL A 8 1.80 2.29 -9.08
N DPR A 9 2.39 3.29 -9.74
CA DPR A 9 1.90 3.77 -11.03
CB DPR A 9 2.91 4.85 -11.42
CG DPR A 9 3.55 5.27 -10.15
CD DPR A 9 3.56 4.05 -9.28
C DPR A 9 0.49 4.35 -10.94
O DPR A 9 0.24 5.27 -10.16
HA DPR A 9 1.92 2.99 -11.77
HB2 DPR A 9 2.38 5.68 -11.89
HB3 DPR A 9 3.63 4.45 -12.12
HG2 DPR A 9 2.97 6.05 -9.69
HG3 DPR A 9 4.56 5.61 -10.34
HD2 DPR A 9 3.47 4.32 -8.24
HD3 DPR A 9 4.47 3.48 -9.44
CAA 4G6 A 10 -2.56 3.30 -12.78
CAF 4G6 A 10 -1.82 4.16 -11.76
CAB 4G6 A 10 -1.94 5.60 -12.21
NAD 4G6 A 10 -0.41 3.75 -11.71
CAE 4G6 A 10 -2.46 3.98 -10.37
N 4G6 A 10 -1.98 2.75 -9.76
HAC 4G6 A 10 -2.52 2.27 -12.47
HAB 4G6 A 10 -3.59 3.62 -12.84
HAA 4G6 A 10 -2.09 3.41 -13.74
HAF 4G6 A 10 -2.27 6.22 -11.39
HAD 4G6 A 10 -2.66 5.68 -13.01
HAE 4G6 A 10 -0.98 5.95 -12.56
HAL 4G6 A 10 -0.12 3.00 -12.28
HAH 4G6 A 10 -3.53 3.93 -10.47
HAG 4G6 A 10 -2.18 4.81 -9.76
H 4G6 A 10 -1.01 2.64 -9.63
C ACE B 1 5.02 -3.98 7.54
O ACE B 1 5.52 -4.69 6.67
CH3 ACE B 1 5.63 -2.67 7.93
H1 ACE B 1 5.07 -1.87 7.46
H2 ACE B 1 6.65 -2.64 7.58
H3 ACE B 1 5.62 -2.58 9.00
N LYS B 2 3.90 -4.31 8.18
CA LYS B 2 3.21 -5.56 7.88
C LYS B 2 1.97 -5.29 7.04
N ASN B 3 1.15 -4.35 7.47
CA ASN B 3 -0.06 -3.99 6.74
C ASN B 3 0.26 -3.02 5.62
N VAL B 4 0.94 -3.52 4.61
CA VAL B 4 1.29 -2.73 3.45
C VAL B 4 0.36 -3.09 2.29
N LEU B 5 -0.50 -2.16 1.93
CA LEU B 5 -1.44 -2.38 0.85
C LEU B 5 -1.01 -1.59 -0.38
N A1CCQ B 6 -1.04 -2.21 -1.56
CA A1CCQ B 6 -0.61 -1.55 -2.80
C A1CCQ B 6 -1.78 -1.02 -3.62
O A1CCQ B 6 -2.83 -1.66 -3.73
CB A1CCQ B 6 0.14 -2.64 -3.58
CG A1CCQ B 6 1.43 -3.10 -2.92
CD1 A1CCQ B 6 1.50 -4.34 -2.28
CD2 A1CCQ B 6 2.54 -2.28 -2.92
CE1 A1CCQ B 6 2.68 -4.75 -1.68
CE2 A1CCQ B 6 3.73 -2.69 -2.32
CZ A1CCQ B 6 3.78 -3.92 -1.70
OH A1CCQ B 6 4.94 -4.34 -1.10
NM A1CCQ B 6 -1.52 -3.56 -1.65
HA A1CCQ B 6 0.07 -0.74 -2.59
HB3 A1CCQ B 6 -0.51 -3.50 -3.69
H1 A1CCQ B 6 0.39 -2.26 -4.56
HD1 A1CCQ B 6 0.64 -4.97 -2.27
HD2 A1CCQ B 6 2.50 -1.33 -3.40
HE1 A1CCQ B 6 2.72 -5.71 -1.19
HE2 A1CCQ B 6 4.59 -2.05 -2.33
HH A1CCQ B 6 5.37 -3.59 -0.66
HM2 A1CCQ B 6 -0.81 -3.98 -1.97
HM1 A1CCQ B 6 -2.23 -3.47 -2.15
N ARG B 7 -1.59 0.16 -4.18
CA ARG B 7 -2.61 0.80 -5.00
C ARG B 7 -2.06 1.09 -6.38
N ARG B 8 -2.56 0.38 -7.37
CA ARG B 8 -2.09 0.56 -8.74
C ARG B 8 -2.77 1.76 -9.38
C ACE A 1 -3.19 1.21 11.64
O ACE A 1 -3.54 2.24 11.06
CH3 ACE A 1 -4.15 0.45 12.50
H1 ACE A 1 -4.45 -0.45 11.97
H2 ACE A 1 -5.01 1.05 12.69
H3 ACE A 1 -3.67 0.19 13.44
N SER A 2 -1.96 0.71 11.54
CA SER A 2 -0.94 1.38 10.74
C SER A 2 -0.91 0.80 9.33
N LYS A 3 -2.00 1.00 8.60
CA LYS A 3 -2.12 0.47 7.25
C LYS A 3 -1.50 1.42 6.24
N THR A 4 -0.39 1.01 5.66
CA THR A 4 0.30 1.81 4.68
C THR A 4 -0.16 1.48 3.27
N PHE A 5 -0.60 2.48 2.55
CA PHE A 5 -1.09 2.30 1.19
C PHE A 5 -0.11 2.84 0.17
N ILE A 6 0.72 1.96 -0.37
CA ILE A 6 1.72 2.36 -1.35
C ILE A 6 1.13 2.32 -2.76
N GLN A 7 1.28 3.41 -3.49
CA GLN A 7 0.73 3.50 -4.84
C GLN A 7 1.79 3.13 -5.86
N VAL A 8 1.47 2.18 -6.71
CA VAL A 8 2.38 1.73 -7.75
C VAL A 8 1.89 2.21 -9.11
N DPR A 9 2.67 3.08 -9.76
CA DPR A 9 2.28 3.67 -11.05
CB DPR A 9 3.43 4.62 -11.38
CG DPR A 9 4.58 4.14 -10.57
CD DPR A 9 3.99 3.55 -9.32
C DPR A 9 0.97 4.44 -10.94
O DPR A 9 0.87 5.42 -10.20
HA DPR A 9 2.20 2.93 -11.82
HB2 DPR A 9 3.15 5.63 -11.11
HB3 DPR A 9 3.64 4.57 -12.44
HG2 DPR A 9 5.23 4.96 -10.33
HG3 DPR A 9 5.12 3.38 -11.12
HD2 DPR A 9 3.90 4.31 -8.56
HD3 DPR A 9 4.60 2.74 -8.97
CAA 4G6 A 10 -2.24 3.83 -12.70
CAF 4G6 A 10 -1.37 4.58 -11.72
CAB 4G6 A 10 -1.28 6.01 -12.17
NAD 4G6 A 10 -0.03 3.96 -11.68
CAE 4G6 A 10 -1.99 4.50 -10.32
N 4G6 A 10 -1.83 3.17 -9.77
HAC 4G6 A 10 -1.78 3.85 -13.69
HAB 4G6 A 10 -2.34 2.80 -12.39
HAA 4G6 A 10 -3.21 4.28 -12.75
HAF 4G6 A 10 -1.74 6.11 -13.17
HAD 4G6 A 10 -0.24 6.34 -12.19
HAE 4G6 A 10 -1.81 6.63 -11.49
HAL 4G6 A 10 0.13 3.16 -12.22
HAH 4G6 A 10 -3.05 4.74 -10.37
HAG 4G6 A 10 -1.49 5.22 -9.68
H 4G6 A 10 -0.93 2.76 -9.81
C ACE B 1 3.97 -5.99 5.41
O ACE B 1 3.44 -5.87 4.31
CH3 ACE B 1 5.37 -5.49 5.64
H1 ACE B 1 5.86 -5.36 4.68
H2 ACE B 1 5.92 -6.21 6.22
H3 ACE B 1 5.32 -4.56 6.19
N LYS B 2 3.36 -6.55 6.45
CA LYS B 2 2.01 -7.09 6.36
C LYS B 2 0.99 -5.96 6.31
N ASN B 3 1.35 -4.83 6.91
CA ASN B 3 0.48 -3.67 6.94
C ASN B 3 0.62 -2.84 5.67
N VAL B 4 1.38 -3.37 4.71
CA VAL B 4 1.59 -2.68 3.45
C VAL B 4 0.61 -3.15 2.41
N LEU B 5 -0.29 -2.25 2.03
CA LEU B 5 -1.28 -2.54 1.01
C LEU B 5 -0.97 -1.71 -0.24
N A1CCQ B 6 -1.05 -2.32 -1.44
CA A1CCQ B 6 -0.67 -1.64 -2.68
C A1CCQ B 6 -1.86 -1.12 -3.48
O A1CCQ B 6 -2.93 -1.75 -3.54
CB A1CCQ B 6 0.09 -2.70 -3.47
CG A1CCQ B 6 1.46 -3.02 -2.90
CD1 A1CCQ B 6 2.49 -2.10 -2.98
CD2 A1CCQ B 6 1.72 -4.24 -2.29
CE1 A1CCQ B 6 3.75 -2.38 -2.47
CE2 A1CCQ B 6 2.97 -4.53 -1.77
CZ A1CCQ B 6 3.98 -3.59 -1.86
OH A1CCQ B 6 5.23 -3.88 -1.35
NM A1CCQ B 6 -1.56 -3.66 -1.54
HA A1CCQ B 6 -0.01 -0.82 -2.47
HB3 A1CCQ B 6 -0.48 -3.61 -3.49
H1 A1CCQ B 6 0.24 -2.35 -4.49
HD1 A1CCQ B 6 2.32 -1.14 -3.45
HD2 A1CCQ B 6 0.93 -4.97 -2.22
HE1 A1CCQ B 6 4.54 -1.65 -2.54
HE2 A1CCQ B 6 3.16 -5.48 -1.30
HH A1CCQ B 6 5.46 -4.78 -1.59
HM2 A1CCQ B 6 -2.38 -3.56 -1.30
HM1 A1CCQ B 6 -1.00 -4.10 -1.03
N ARG B 7 -1.66 0.03 -4.08
CA ARG B 7 -2.65 0.64 -4.95
C ARG B 7 -2.08 0.82 -6.34
N ARG B 8 -2.92 0.91 -7.34
CA ARG B 8 -2.45 1.09 -8.70
C ARG B 8 -2.81 2.46 -9.22
C ACE A 1 -2.21 -0.94 12.64
O ACE A 1 -2.97 0.01 12.75
CH3 ACE A 1 -2.31 -2.13 13.56
H1 ACE A 1 -3.03 -1.92 14.33
H2 ACE A 1 -1.35 -2.32 14.01
H3 ACE A 1 -2.60 -3.00 12.97
N SER A 2 -1.26 -1.01 11.71
CA SER A 2 -1.06 0.07 10.76
C SER A 2 -1.10 -0.45 9.34
N LYS A 3 -1.80 0.25 8.46
CA LYS A 3 -1.87 -0.14 7.05
C LYS A 3 -1.26 0.96 6.18
N THR A 4 -0.10 0.69 5.63
CA THR A 4 0.56 1.64 4.75
C THR A 4 0.06 1.46 3.32
N PHE A 5 -0.55 2.50 2.78
CA PHE A 5 -1.08 2.46 1.42
C PHE A 5 -0.07 3.03 0.43
N ILE A 6 0.60 2.16 -0.30
CA ILE A 6 1.59 2.57 -1.28
C ILE A 6 1.01 2.48 -2.68
N GLN A 7 1.22 3.51 -3.47
CA GLN A 7 0.70 3.53 -4.84
C GLN A 7 1.81 3.14 -5.82
N VAL A 8 1.48 2.20 -6.69
CA VAL A 8 2.40 1.73 -7.70
C VAL A 8 1.90 2.15 -9.08
N DPR A 9 2.61 3.09 -9.73
CA DPR A 9 2.22 3.64 -11.03
CB DPR A 9 3.26 4.70 -11.32
CG DPR A 9 4.43 4.34 -10.48
CD DPR A 9 3.86 3.70 -9.24
C DPR A 9 0.83 4.25 -11.01
O DPR A 9 0.56 5.21 -10.27
HA DPR A 9 2.27 2.88 -11.80
HB2 DPR A 9 2.87 5.67 -11.06
HB3 DPR A 9 3.53 4.68 -12.38
HG2 DPR A 9 4.99 5.23 -10.21
HG3 DPR A 9 5.07 3.64 -11.00
HD2 DPR A 9 3.67 4.44 -8.48
HD3 DPR A 9 4.54 2.94 -8.88
CAA 4G6 A 10 -2.20 3.24 -12.92
CAF 4G6 A 10 -1.47 4.12 -11.93
CAB 4G6 A 10 -1.52 5.54 -12.46
NAD 4G6 A 10 -0.07 3.66 -11.81
CAE 4G6 A 10 -2.15 4.04 -10.56
N 4G6 A 10 -1.78 2.79 -9.90
HAC 4G6 A 10 -2.22 2.22 -12.54
HAB 4G6 A 10 -3.21 3.60 -13.03
HAA 4G6 A 10 -1.70 3.26 -13.87
HAF 4G6 A 10 -1.86 5.54 -13.49
HAD 4G6 A 10 -0.53 6.00 -12.37
HAE 4G6 A 10 -2.20 6.10 -11.88
HAL 4G6 A 10 0.22 2.90 -12.34
HAH 4G6 A 10 -3.21 4.09 -10.67
HAG 4G6 A 10 -1.81 4.87 -9.95
H 4G6 A 10 -0.83 2.54 -9.90
C ACE B 1 3.53 -6.80 3.66
O ACE B 1 2.51 -7.07 3.01
CH3 ACE B 1 4.72 -6.17 2.99
H1 ACE B 1 4.51 -6.06 1.93
H2 ACE B 1 5.57 -6.82 3.12
H3 ACE B 1 4.92 -5.21 3.46
N LYS B 2 3.63 -7.01 4.97
CA LYS B 2 2.55 -7.62 5.73
C LYS B 2 1.54 -6.56 6.17
N ASN B 3 2.01 -5.34 6.34
CA ASN B 3 1.16 -4.21 6.72
C ASN B 3 1.10 -3.20 5.59
N VAL B 4 1.43 -3.65 4.39
CA VAL B 4 1.48 -2.76 3.24
C VAL B 4 0.39 -3.11 2.23
N LEU B 5 -0.44 -2.13 1.94
CA LEU B 5 -1.48 -2.30 0.93
C LEU B 5 -1.14 -1.50 -0.31
N A1CCQ B 6 -1.06 -2.17 -1.47
CA A1CCQ B 6 -0.66 -1.52 -2.72
C A1CCQ B 6 -1.86 -1.07 -3.55
O A1CCQ B 6 -2.86 -1.78 -3.69
CB A1CCQ B 6 0.15 -2.58 -3.46
CG A1CCQ B 6 1.50 -2.87 -2.83
CD1 A1CCQ B 6 2.53 -1.94 -2.88
CD2 A1CCQ B 6 1.74 -4.08 -2.19
CE1 A1CCQ B 6 3.76 -2.21 -2.31
CE2 A1CCQ B 6 2.96 -4.36 -1.61
CZ A1CCQ B 6 3.97 -3.42 -1.68
OH A1CCQ B 6 5.19 -3.68 -1.11
NM A1CCQ B 6 -1.39 -3.57 -1.52
HA A1CCQ B 6 -0.03 -0.66 -2.52
HB3 A1CCQ B 6 -0.41 -3.49 -3.50
H1 A1CCQ B 6 0.33 -2.23 -4.48
HD1 A1CCQ B 6 2.36 -0.99 -3.37
HD2 A1CCQ B 6 0.95 -4.82 -2.14
HE1 A1CCQ B 6 4.54 -1.47 -2.36
HE2 A1CCQ B 6 3.13 -5.30 -1.12
HH A1CCQ B 6 5.48 -2.91 -0.60
HM2 A1CCQ B 6 -2.24 -3.56 -1.34
HM1 A1CCQ B 6 -0.81 -3.90 -0.95
N ARG B 7 -1.73 0.12 -4.10
CA ARG B 7 -2.75 0.69 -4.97
C ARG B 7 -2.12 1.04 -6.30
N ARG B 8 -2.65 0.50 -7.38
CA ARG B 8 -2.07 0.74 -8.69
C ARG B 8 -2.65 1.99 -9.32
C ACE A 1 -4.66 0.51 11.05
O ACE A 1 -5.20 0.96 10.05
CH3 ACE A 1 -5.39 -0.45 11.95
H1 ACE A 1 -6.33 -0.72 11.49
H2 ACE A 1 -5.58 0.01 12.90
H3 ACE A 1 -4.76 -1.33 12.10
N SER A 2 -3.42 0.83 11.41
CA SER A 2 -2.62 1.75 10.63
C SER A 2 -1.95 1.02 9.47
N LYS A 3 -2.67 0.90 8.38
CA LYS A 3 -2.17 0.24 7.19
C LYS A 3 -1.57 1.26 6.23
N THR A 4 -0.43 0.91 5.67
CA THR A 4 0.26 1.80 4.74
C THR A 4 -0.07 1.43 3.30
N PHE A 5 -0.61 2.39 2.57
CA PHE A 5 -0.96 2.18 1.18
C PHE A 5 0.09 2.79 0.27
N ILE A 6 0.79 1.95 -0.47
CA ILE A 6 1.79 2.40 -1.43
C ILE A 6 1.20 2.43 -2.83
N GLN A 7 1.37 3.54 -3.51
CA GLN A 7 0.82 3.70 -4.85
C GLN A 7 1.83 3.22 -5.88
N VAL A 8 1.42 2.29 -6.72
CA VAL A 8 2.27 1.75 -7.75
C VAL A 8 1.78 2.19 -9.12
N DPR A 9 2.51 3.09 -9.79
CA DPR A 9 2.11 3.65 -11.07
CB DPR A 9 3.20 4.67 -11.39
CG DPR A 9 4.38 4.23 -10.60
CD DPR A 9 3.82 3.61 -9.35
C DPR A 9 0.75 4.34 -10.98
O DPR A 9 0.58 5.31 -10.23
HA DPR A 9 2.09 2.91 -11.84
HB2 DPR A 9 2.88 5.66 -11.09
HB3 DPR A 9 3.40 4.66 -12.46
HG2 DPR A 9 5.00 5.07 -10.36
HG3 DPR A 9 4.94 3.49 -11.17
HD2 DPR A 9 3.70 4.35 -8.58
HD3 DPR A 9 4.46 2.81 -9.01
CAA 4G6 A 10 -2.40 3.56 -12.78
CAF 4G6 A 10 -1.59 4.35 -11.77
CAB 4G6 A 10 -1.58 5.79 -12.23
NAD 4G6 A 10 -0.22 3.82 -11.74
CAE 4G6 A 10 -2.23 4.23 -10.38
N 4G6 A 10 -1.87 2.95 -9.79
HAC 4G6 A 10 -3.41 3.94 -12.80
HAB 4G6 A 10 -1.96 3.64 -13.76
HAA 4G6 A 10 -2.42 2.52 -12.49
HAF 4G6 A 10 -2.26 5.91 -13.07
HAD 4G6 A 10 -0.57 6.09 -12.49
HAE 4G6 A 10 -1.93 6.40 -11.43
HAL 4G6 A 10 0.00 3.03 -12.28
HAH 4G6 A 10 -3.30 4.31 -10.45
HAG 4G6 A 10 -1.84 5.02 -9.75
H 4G6 A 10 -0.94 2.64 -9.87
C ACE B 1 5.25 -4.67 6.59
O ACE B 1 5.27 -5.05 5.41
CH3 ACE B 1 6.15 -3.56 7.05
H1 ACE B 1 7.00 -4.01 7.58
H2 ACE B 1 5.63 -2.92 7.73
H3 ACE B 1 6.49 -3.00 6.19
N LYS B 2 4.45 -5.20 7.50
CA LYS B 2 3.51 -6.26 7.15
C LYS B 2 2.17 -5.68 6.73
N ASN B 3 1.76 -4.60 7.38
CA ASN B 3 0.47 -3.98 7.11
C ASN B 3 0.58 -2.99 5.95
N VAL B 4 1.15 -3.46 4.85
CA VAL B 4 1.31 -2.64 3.66
C VAL B 4 0.43 -3.15 2.54
N LEU B 5 -0.32 -2.24 1.95
CA LEU B 5 -1.20 -2.57 0.84
C LEU B 5 -0.87 -1.73 -0.37
N A1CCQ B 6 -0.97 -2.29 -1.58
CA A1CCQ B 6 -0.61 -1.57 -2.82
C A1CCQ B 6 -1.82 -1.04 -3.59
O A1CCQ B 6 -2.83 -1.73 -3.72
CB A1CCQ B 6 0.16 -2.60 -3.67
CG A1CCQ B 6 1.46 -3.05 -3.05
CD1 A1CCQ B 6 2.55 -2.18 -2.98
CD2 A1CCQ B 6 1.63 -4.33 -2.57
CE1 A1CCQ B 6 3.74 -2.58 -2.43
CE2 A1CCQ B 6 2.83 -4.74 -2.01
CZ A1CCQ B 6 3.88 -3.86 -1.95
OH A1CCQ B 6 5.08 -4.26 -1.40
NM A1CCQ B 6 -1.47 -3.64 -1.72
HA A1CCQ B 6 0.05 -0.74 -2.59
HB3 A1CCQ B 6 -0.46 -3.47 -3.80
H1 A1CCQ B 6 0.36 -2.17 -4.63
HD1 A1CCQ B 6 2.43 -1.17 -3.35
HD2 A1CCQ B 6 0.80 -5.03 -2.61
HE1 A1CCQ B 6 4.57 -1.89 -2.38
HE2 A1CCQ B 6 2.93 -5.75 -1.64
HH A1CCQ B 6 5.30 -5.15 -1.73
HM2 A1CCQ B 6 -0.78 -4.11 -1.47
HM1 A1CCQ B 6 -1.74 -3.64 -2.54
N ARG B 7 -1.69 0.18 -4.07
CA ARG B 7 -2.73 0.79 -4.88
C ARG B 7 -2.16 1.20 -6.22
N ARG B 8 -2.65 0.58 -7.28
CA ARG B 8 -2.15 0.86 -8.63
C ARG B 8 -2.74 2.16 -9.17
C ACE A 1 -3.92 -0.35 12.25
O ACE A 1 -4.76 0.24 11.55
CH3 ACE A 1 -4.35 -1.33 13.31
H1 ACE A 1 -5.29 -0.99 13.72
H2 ACE A 1 -3.61 -1.36 14.09
H3 ACE A 1 -4.45 -2.31 12.86
N SER A 2 -2.62 -0.18 12.11
CA SER A 2 -2.08 0.76 11.13
C SER A 2 -1.92 0.09 9.78
N LYS A 3 -2.38 0.77 8.73
CA LYS A 3 -2.27 0.23 7.38
C LYS A 3 -1.56 1.24 6.48
N THR A 4 -0.52 0.77 5.82
CA THR A 4 0.26 1.62 4.94
C THR A 4 -0.11 1.37 3.48
N PHE A 5 -0.53 2.42 2.80
CA PHE A 5 -0.89 2.31 1.40
C PHE A 5 0.19 2.92 0.53
N ILE A 6 0.67 2.13 -0.42
CA ILE A 6 1.70 2.58 -1.35
C ILE A 6 1.17 2.54 -2.77
N GLN A 7 1.27 3.66 -3.47
CA GLN A 7 0.79 3.73 -4.84
C GLN A 7 1.82 3.16 -5.80
N VAL A 8 1.36 2.28 -6.67
CA VAL A 8 2.21 1.66 -7.68
C VAL A 8 1.72 2.01 -9.07
N DPR A 9 2.40 2.93 -9.77
CA DPR A 9 2.01 3.38 -11.10
CB DPR A 9 3.13 4.33 -11.51
CG DPR A 9 3.77 4.75 -10.24
CD DPR A 9 3.64 3.58 -9.31
C DPR A 9 0.65 4.11 -11.07
O DPR A 9 0.51 5.13 -10.40
HA DPR A 9 1.95 2.57 -11.80
HB2 DPR A 9 2.71 5.17 -12.05
HB3 DPR A 9 3.83 3.81 -12.15
HG2 DPR A 9 3.26 5.61 -9.84
HG3 DPR A 9 4.82 4.98 -10.42
HD2 DPR A 9 3.54 3.92 -8.29
HD3 DPR A 9 4.48 2.93 -9.41
CAA 4G6 A 10 -2.47 3.24 -12.87
CAF 4G6 A 10 -1.68 4.06 -11.87
CAB 4G6 A 10 -1.66 5.51 -12.37
NAD 4G6 A 10 -0.31 3.53 -11.79
CAE 4G6 A 10 -2.35 3.98 -10.50
N 4G6 A 10 -1.88 2.78 -9.81
HAC 4G6 A 10 -2.53 2.23 -12.53
HAB 4G6 A 10 -3.46 3.66 -12.97
HAA 4G6 A 10 -1.98 3.27 -13.83
HAF 4G6 A 10 -2.06 5.54 -13.39
HAD 4G6 A 10 -0.65 5.89 -12.32
HAE 4G6 A 10 -2.28 6.08 -11.74
HAL 4G6 A 10 -0.10 2.70 -12.27
HAH 4G6 A 10 -3.41 3.93 -10.61
HAG 4G6 A 10 -2.07 4.85 -9.92
H 4G6 A 10 -0.91 2.60 -9.82
C ACE B 1 3.45 -6.44 4.21
O ACE B 1 2.47 -6.63 3.50
CH3 ACE B 1 4.74 -5.92 3.63
H1 ACE B 1 5.50 -6.67 3.74
H2 ACE B 1 5.03 -5.04 4.16
H3 ACE B 1 4.58 -5.68 2.58
N LYS B 2 3.45 -6.67 5.53
CA LYS B 2 2.29 -7.22 6.21
C LYS B 2 1.11 -6.26 6.17
N ASN B 3 1.32 -5.04 6.66
CA ASN B 3 0.27 -4.03 6.69
C ASN B 3 0.40 -3.09 5.50
N VAL B 4 1.13 -3.54 4.50
CA VAL B 4 1.37 -2.73 3.32
C VAL B 4 0.42 -3.13 2.20
N LEU B 5 -0.42 -2.20 1.79
CA LEU B 5 -1.35 -2.43 0.70
C LEU B 5 -0.97 -1.55 -0.48
N A1CCQ B 6 -0.87 -2.14 -1.69
CA A1CCQ B 6 -0.42 -1.39 -2.88
C A1CCQ B 6 -1.58 -0.96 -3.76
O A1CCQ B 6 -2.38 -1.78 -4.22
CB A1CCQ B 6 0.49 -2.39 -3.62
CG A1CCQ B 6 1.77 -2.71 -2.89
CD1 A1CCQ B 6 2.85 -1.83 -2.90
CD2 A1CCQ B 6 1.92 -3.91 -2.21
CE1 A1CCQ B 6 4.03 -2.14 -2.24
CE2 A1CCQ B 6 3.10 -4.22 -1.55
CZ A1CCQ B 6 4.14 -3.33 -1.57
OH A1CCQ B 6 5.32 -3.64 -0.91
NM A1CCQ B 6 -1.23 -3.52 -1.85
HA A1CCQ B 6 0.15 -0.53 -2.59
HB3 A1CCQ B 6 -0.05 -3.30 -3.79
H1 A1CCQ B 6 0.75 -1.95 -4.58
HD1 A1CCQ B 6 2.75 -0.90 -3.42
HD2 A1CCQ B 6 1.10 -4.62 -2.19
HE1 A1CCQ B 6 4.84 -1.43 -2.26
HE2 A1CCQ B 6 3.19 -5.16 -1.02
HH A1CCQ B 6 5.55 -4.56 -1.10
HM2 A1CCQ B 6 -1.39 -3.55 -2.72
HM1 A1CCQ B 6 -1.87 -3.61 -1.29
N ARG B 7 -1.67 0.33 -4.01
CA ARG B 7 -2.72 0.88 -4.85
C ARG B 7 -2.14 1.27 -6.20
N ARG B 8 -2.48 0.50 -7.21
CA ARG B 8 -1.96 0.74 -8.54
C ARG B 8 -2.66 1.92 -9.19
C ACE A 1 -0.74 -1.75 12.33
O ACE A 1 -1.92 -1.55 12.60
CH3 ACE A 1 0.00 -2.90 12.95
H1 ACE A 1 0.74 -2.50 13.65
H2 ACE A 1 0.51 -3.46 12.19
H3 ACE A 1 -0.71 -3.54 13.46
N SER A 2 -0.04 -0.99 11.49
CA SER A 2 -0.65 0.13 10.80
C SER A 2 -0.70 -0.14 9.30
N LYS A 3 -1.86 0.13 8.70
CA LYS A 3 -2.05 -0.15 7.28
C LYS A 3 -1.48 0.97 6.42
N THR A 4 -0.36 0.69 5.80
CA THR A 4 0.30 1.64 4.93
C THR A 4 -0.12 1.39 3.48
N PHE A 5 -0.56 2.45 2.80
CA PHE A 5 -0.97 2.34 1.42
C PHE A 5 0.09 2.95 0.51
N ILE A 6 0.59 2.17 -0.41
CA ILE A 6 1.60 2.64 -1.35
C ILE A 6 1.08 2.52 -2.78
N GLN A 7 1.20 3.60 -3.54
CA GLN A 7 0.73 3.62 -4.91
C GLN A 7 1.81 3.09 -5.85
N VAL A 8 1.41 2.16 -6.71
CA VAL A 8 2.32 1.61 -7.70
C VAL A 8 1.86 2.04 -9.09
N DPR A 9 2.62 2.94 -9.73
CA DPR A 9 2.25 3.51 -11.02
CB DPR A 9 3.36 4.52 -11.32
CG DPR A 9 4.51 4.09 -10.49
CD DPR A 9 3.91 3.47 -9.25
C DPR A 9 0.89 4.21 -10.97
O DPR A 9 0.73 5.18 -10.23
HA DPR A 9 2.24 2.77 -11.79
HB2 DPR A 9 3.02 5.51 -11.06
HB3 DPR A 9 3.60 4.49 -12.37
HG2 DPR A 9 5.11 4.94 -10.22
HG3 DPR A 9 5.10 3.36 -11.02
HD2 DPR A 9 3.77 4.20 -8.49
HD3 DPR A 9 4.55 2.66 -8.91
CAA 4G6 A 10 -2.24 3.38 -12.77
CAF 4G6 A 10 -1.42 4.22 -11.81
CAB 4G6 A 10 -1.41 5.64 -12.33
NAD 4G6 A 10 -0.06 3.68 -11.73
CAE 4G6 A 10 -2.06 4.15 -10.41
N 4G6 A 10 -1.79 2.85 -9.82
HAC 4G6 A 10 -3.24 3.78 -12.83
HAB 4G6 A 10 -1.79 3.43 -13.75
HAA 4G6 A 10 -2.28 2.36 -12.43
HAF 4G6 A 10 -1.68 6.32 -11.52
HAD 4G6 A 10 -2.13 5.75 -13.12
HAE 4G6 A 10 -0.42 5.89 -12.68
HAL 4G6 A 10 0.16 2.90 -12.28
HAH 4G6 A 10 -3.12 4.30 -10.48
HAG 4G6 A 10 -1.61 4.92 -9.79
H 4G6 A 10 -0.88 2.49 -9.88
C ACE B 1 5.41 -5.00 5.61
O ACE B 1 5.06 -6.03 5.04
CH3 ACE B 1 6.24 -3.95 4.91
H1 ACE B 1 5.57 -3.17 4.56
H2 ACE B 1 6.73 -4.40 4.07
H3 ACE B 1 6.97 -3.56 5.60
N LYS B 2 5.07 -4.73 6.86
CA LYS B 2 4.29 -5.66 7.66
C LYS B 2 2.81 -5.58 7.26
N ASN B 3 2.30 -4.37 7.15
CA ASN B 3 0.92 -4.15 6.75
C ASN B 3 0.86 -3.16 5.61
N VAL B 4 1.42 -3.55 4.48
CA VAL B 4 1.50 -2.67 3.33
C VAL B 4 0.53 -3.12 2.24
N LEU B 5 -0.37 -2.22 1.88
CA LEU B 5 -1.32 -2.46 0.82
C LEU B 5 -0.98 -1.58 -0.38
N A1CCQ B 6 -0.99 -2.15 -1.58
CA A1CCQ B 6 -0.58 -1.41 -2.79
C A1CCQ B 6 -1.78 -0.96 -3.62
O A1CCQ B 6 -2.75 -1.71 -3.81
CB A1CCQ B 6 0.29 -2.40 -3.57
CG A1CCQ B 6 1.58 -2.76 -2.88
CD1 A1CCQ B 6 1.75 -4.00 -2.28
CD2 A1CCQ B 6 2.63 -1.84 -2.80
CE1 A1CCQ B 6 2.93 -4.32 -1.64
CE2 A1CCQ B 6 3.80 -2.16 -2.16
CZ A1CCQ B 6 3.95 -3.41 -1.58
OH A1CCQ B 6 5.11 -3.73 -0.92
NM A1CCQ B 6 -1.40 -3.52 -1.74
HA A1CCQ B 6 0.01 -0.55 -2.53
HB3 A1CCQ B 6 -0.27 -3.31 -3.75
H1 A1CCQ B 6 0.54 -1.96 -4.53
HD1 A1CCQ B 6 0.95 -4.72 -2.34
HD2 A1CCQ B 6 2.50 -0.87 -3.25
HE1 A1CCQ B 6 3.04 -5.31 -1.19
HE2 A1CCQ B 6 4.60 -1.44 -2.11
HH A1CCQ B 6 5.34 -4.65 -1.11
HM2 A1CCQ B 6 -0.66 -3.95 -1.57
HM1 A1CCQ B 6 -1.74 -3.50 -2.55
N ARG B 7 -1.70 0.26 -4.11
CA ARG B 7 -2.76 0.83 -4.93
C ARG B 7 -2.20 1.17 -6.30
N ARG B 8 -2.73 0.55 -7.34
CA ARG B 8 -2.23 0.76 -8.69
C ARG B 8 -2.71 2.10 -9.23
C ACE A 1 -1.53 -0.84 12.89
O ACE A 1 -1.27 0.27 13.35
CH3 ACE A 1 -1.93 -1.98 13.79
H1 ACE A 1 -1.83 -1.66 14.83
H2 ACE A 1 -1.26 -2.81 13.61
H3 ACE A 1 -2.93 -2.28 13.57
N SER A 2 -1.49 -1.10 11.59
CA SER A 2 -1.12 -0.09 10.63
C SER A 2 -1.72 -0.42 9.26
N LYS A 3 -1.94 0.59 8.45
CA LYS A 3 -2.42 0.43 7.08
C LYS A 3 -1.67 1.36 6.16
N THR A 4 -0.56 0.88 5.62
CA THR A 4 0.27 1.69 4.74
C THR A 4 -0.08 1.45 3.29
N PHE A 5 -0.66 2.45 2.65
CA PHE A 5 -1.04 2.35 1.26
C PHE A 5 0.05 2.91 0.36
N ILE A 6 0.68 2.04 -0.42
CA ILE A 6 1.72 2.45 -1.33
C ILE A 6 1.21 2.45 -2.76
N GLN A 7 1.39 3.56 -3.45
CA GLN A 7 0.92 3.69 -4.82
C GLN A 7 1.91 3.07 -5.79
N VAL A 8 1.40 2.21 -6.65
CA VAL A 8 2.20 1.58 -7.68
C VAL A 8 1.73 2.04 -9.06
N DPR A 9 2.45 2.98 -9.67
CA DPR A 9 2.05 3.56 -10.95
CB DPR A 9 3.19 4.50 -11.31
CG DPR A 9 3.86 4.80 -10.02
CD DPR A 9 3.70 3.57 -9.17
C DPR A 9 0.73 4.33 -10.82
O DPR A 9 0.64 5.29 -10.06
HA DPR A 9 1.95 2.81 -11.71
HB2 DPR A 9 2.80 5.40 -11.76
HB3 DPR A 9 3.86 4.01 -12.00
HG2 DPR A 9 3.40 5.65 -9.55
HG3 DPR A 9 4.92 5.00 -10.18
HD2 DPR A 9 3.61 3.85 -8.12
HD3 DPR A 9 4.52 2.90 -9.31
CAA 4G6 A 10 -2.50 3.74 -12.55
CAF 4G6 A 10 -1.63 4.45 -11.54
CAB 4G6 A 10 -1.56 5.92 -11.94
NAD 4G6 A 10 -0.29 3.86 -11.55
CAE 4G6 A 10 -2.23 4.31 -10.14
N 4G6 A 10 -1.83 3.02 -9.59
HAC 4G6 A 10 -2.07 3.83 -13.53
HAB 4G6 A 10 -2.57 2.70 -12.28
HAA 4G6 A 10 -3.48 4.18 -12.54
HAF 4G6 A 10 -1.89 6.03 -12.97
HAD 4G6 A 10 -0.55 6.30 -11.80
HAE 4G6 A 10 -2.22 6.47 -11.32
HAL 4G6 A 10 -0.12 3.08 -12.12
HAH 4G6 A 10 -3.30 4.36 -10.18
HAG 4G6 A 10 -1.85 5.09 -9.50
H 4G6 A 10 -0.87 2.81 -9.53
C ACE B 1 3.14 -6.93 4.31
O ACE B 1 2.25 -7.11 3.48
CH3 ACE B 1 4.54 -6.59 3.87
H1 ACE B 1 4.75 -5.56 4.14
H2 ACE B 1 4.62 -6.71 2.81
H3 ACE B 1 5.23 -7.27 4.37
N LYS B 2 2.93 -7.01 5.62
CA LYS B 2 1.62 -7.36 6.16
C LYS B 2 0.67 -6.18 6.07
N ASN B 3 1.10 -5.03 6.58
CA ASN B 3 0.25 -3.84 6.59
C ASN B 3 0.49 -2.98 5.36
N VAL B 4 1.27 -3.51 4.43
CA VAL B 4 1.58 -2.79 3.20
C VAL B 4 0.55 -3.11 2.14
N LEU B 5 -0.32 -2.14 1.88
CA LEU B 5 -1.39 -2.31 0.91
C LEU B 5 -1.07 -1.51 -0.35
N A1CCQ B 6 -0.94 -2.19 -1.50
CA A1CCQ B 6 -0.55 -1.52 -2.74
C A1CCQ B 6 -1.75 -1.05 -3.56
O A1CCQ B 6 -2.74 -1.77 -3.70
CB A1CCQ B 6 0.24 -2.58 -3.53
CG A1CCQ B 6 1.60 -2.89 -2.94
CD1 A1CCQ B 6 2.63 -1.96 -2.99
CD2 A1CCQ B 6 1.86 -4.11 -2.33
CE1 A1CCQ B 6 3.87 -2.23 -2.47
CE2 A1CCQ B 6 3.11 -4.39 -1.79
CZ A1CCQ B 6 4.10 -3.45 -1.87
OH A1CCQ B 6 5.34 -3.72 -1.34
NM A1CCQ B 6 -1.18 -3.60 -1.54
HA A1CCQ B 6 0.09 -0.67 -2.56
HB3 A1CCQ B 6 -0.33 -3.50 -3.55
H1 A1CCQ B 6 0.39 -2.23 -4.54
HD1 A1CCQ B 6 2.44 -1.00 -3.47
HD2 A1CCQ B 6 1.07 -4.85 -2.27
HE1 A1CCQ B 6 4.66 -1.50 -2.52
HE2 A1CCQ B 6 3.28 -5.34 -1.32
HH A1CCQ B 6 5.59 -4.63 -1.55
HM2 A1CCQ B 6 -2.05 -3.64 -1.41
HM1 A1CCQ B 6 -0.63 -3.90 -0.92
N ARG B 7 -1.66 0.16 -4.07
CA ARG B 7 -2.71 0.72 -4.90
C ARG B 7 -2.15 1.17 -6.23
N ARG B 8 -2.58 0.54 -7.30
CA ARG B 8 -2.07 0.82 -8.62
C ARG B 8 -2.69 2.09 -9.18
C ACE A 1 -2.35 -3.15 11.80
O ACE A 1 -2.99 -2.18 12.22
CH3 ACE A 1 -2.58 -4.52 12.36
H1 ACE A 1 -2.71 -4.45 13.43
H2 ACE A 1 -1.73 -5.14 12.15
H3 ACE A 1 -3.45 -4.94 11.89
N SER A 2 -1.43 -3.04 10.86
CA SER A 2 -1.12 -1.77 10.23
C SER A 2 -1.50 -1.81 8.76
N LYS A 3 -1.90 -0.68 8.22
CA LYS A 3 -2.33 -0.61 6.83
C LYS A 3 -1.69 0.59 6.14
N THR A 4 -0.42 0.44 5.78
CA THR A 4 0.30 1.48 5.07
C THR A 4 0.02 1.39 3.58
N PHE A 5 -0.46 2.47 2.98
CA PHE A 5 -0.81 2.47 1.59
C PHE A 5 0.35 2.94 0.73
N ILE A 6 0.61 2.24 -0.35
CA ILE A 6 1.62 2.64 -1.31
C ILE A 6 1.06 2.58 -2.73
N GLN A 7 1.21 3.66 -3.47
CA GLN A 7 0.74 3.73 -4.84
C GLN A 7 1.81 3.20 -5.79
N VAL A 8 1.40 2.32 -6.68
CA VAL A 8 2.30 1.76 -7.68
C VAL A 8 1.78 2.10 -9.07
N DPR A 9 2.52 2.94 -9.82
CA DPR A 9 2.09 3.40 -11.14
CB DPR A 9 3.16 4.40 -11.54
CG DPR A 9 4.35 4.04 -10.73
CD DPR A 9 3.82 3.49 -9.44
C DPR A 9 0.72 4.07 -11.11
O DPR A 9 0.53 5.05 -10.39
HA DPR A 9 2.08 2.59 -11.86
HB2 DPR A 9 2.82 5.40 -11.31
HB3 DPR A 9 3.36 4.32 -12.60
HG2 DPR A 9 4.96 4.91 -10.56
HG3 DPR A 9 4.93 3.28 -11.24
HD2 DPR A 9 3.71 4.29 -8.70
HD3 DPR A 9 4.48 2.74 -9.05
CAA 4G6 A 10 -2.37 3.17 -12.97
CAF 4G6 A 10 -1.59 4.02 -11.98
CAB 4G6 A 10 -1.59 5.44 -12.50
NAD 4G6 A 10 -0.21 3.50 -11.88
CAE 4G6 A 10 -2.26 3.95 -10.60
N 4G6 A 10 -1.85 2.72 -9.93
HAC 4G6 A 10 -3.38 3.55 -13.04
HAB 4G6 A 10 -1.90 3.21 -13.93
HAA 4G6 A 10 -2.40 2.15 -12.61
HAF 4G6 A 10 -2.18 5.50 -13.41
HAD 4G6 A 10 -0.56 5.76 -12.67
HAE 4G6 A 10 -2.02 6.08 -11.77
HAL 4G6 A 10 0.03 2.71 -12.40
HAH 4G6 A 10 -3.33 3.96 -10.70
HAG 4G6 A 10 -1.93 4.80 -10.01
H 4G6 A 10 -0.89 2.51 -9.91
C ACE B 1 2.36 -7.13 2.73
O ACE B 1 1.23 -7.46 2.34
CH3 ACE B 1 3.36 -6.54 1.79
H1 ACE B 1 2.83 -5.98 1.03
H2 ACE B 1 3.94 -7.31 1.33
H3 ACE B 1 4.02 -5.88 2.35
N LYS B 2 2.76 -7.30 3.98
CA LYS B 2 1.85 -7.82 5.00
C LYS B 2 0.99 -6.71 5.56
N ASN B 3 1.64 -5.62 5.97
CA ASN B 3 0.92 -4.46 6.48
C ASN B 3 0.95 -3.34 5.46
N VAL B 4 1.30 -3.69 4.23
CA VAL B 4 1.40 -2.73 3.16
C VAL B 4 0.33 -2.99 2.10
N LEU B 5 -0.49 -2.00 1.84
CA LEU B 5 -1.53 -2.11 0.83
C LEU B 5 -1.12 -1.36 -0.42
N A1CCQ B 6 -0.89 -2.09 -1.52
CA A1CCQ B 6 -0.47 -1.47 -2.79
C A1CCQ B 6 -1.66 -1.09 -3.66
O A1CCQ B 6 -2.56 -1.90 -3.91
CB A1CCQ B 6 0.38 -2.53 -3.49
CG A1CCQ B 6 1.69 -2.84 -2.80
CD1 A1CCQ B 6 1.88 -4.05 -2.14
CD2 A1CCQ B 6 2.74 -1.93 -2.81
CE1 A1CCQ B 6 3.09 -4.34 -1.52
CE2 A1CCQ B 6 3.95 -2.21 -2.19
CZ A1CCQ B 6 4.11 -3.41 -1.54
OH A1CCQ B 6 5.30 -3.70 -0.92
NM A1CCQ B 6 -1.09 -3.51 -1.50
HA A1CCQ B 6 0.13 -0.59 -2.61
HB3 A1CCQ B 6 -0.18 -3.45 -3.56
H1 A1CCQ B 6 0.60 -2.19 -4.49
HD1 A1CCQ B 6 1.08 -4.77 -2.11
HD2 A1CCQ B 6 2.60 -0.99 -3.33
HE1 A1CCQ B 6 3.21 -5.27 -1.00
HE2 A1CCQ B 6 4.74 -1.49 -2.22
HH A1CCQ B 6 5.64 -2.90 -0.49
HM2 A1CCQ B 6 -1.96 -3.57 -1.49
HM1 A1CCQ B 6 -0.61 -3.74 -0.81
N ARG B 7 -1.67 0.15 -4.13
CA ARG B 7 -2.72 0.64 -4.99
C ARG B 7 -2.14 1.07 -6.33
N ARG B 8 -2.58 0.42 -7.38
CA ARG B 8 -2.05 0.65 -8.71
C ARG B 8 -2.69 1.88 -9.35
C ACE A 1 -1.50 -1.98 12.65
O ACE A 1 -2.30 -1.28 13.27
CH3 ACE A 1 -0.94 -3.24 13.28
H1 ACE A 1 -0.58 -3.89 12.48
H2 ACE A 1 -1.71 -3.74 13.83
H3 ACE A 1 -0.14 -2.96 13.96
N SER A 2 -1.08 -1.69 11.44
CA SER A 2 -1.55 -0.51 10.73
C SER A 2 -1.66 -0.83 9.24
N LYS A 3 -2.25 0.08 8.49
CA LYS A 3 -2.42 -0.12 7.05
C LYS A 3 -1.71 0.98 6.28
N THR A 4 -0.54 0.68 5.77
CA THR A 4 0.21 1.63 4.97
C THR A 4 -0.06 1.41 3.49
N PHE A 5 -0.57 2.44 2.82
CA PHE A 5 -0.91 2.35 1.41
C PHE A 5 0.21 2.93 0.56
N ILE A 6 0.68 2.14 -0.40
CA ILE A 6 1.68 2.60 -1.34
C ILE A 6 1.14 2.51 -2.76
N GLN A 7 1.30 3.59 -3.52
CA GLN A 7 0.80 3.65 -4.88
C GLN A 7 1.85 3.18 -5.87
N VAL A 8 1.47 2.24 -6.72
CA VAL A 8 2.34 1.72 -7.74
C VAL A 8 1.83 2.11 -9.12
N DPR A 9 2.57 2.96 -9.84
CA DPR A 9 2.12 3.48 -11.13
CB DPR A 9 3.24 4.45 -11.55
CG DPR A 9 4.43 4.00 -10.78
CD DPR A 9 3.90 3.45 -9.48
C DPR A 9 0.80 4.23 -10.99
O DPR A 9 0.69 5.18 -10.21
HA DPR A 9 2.03 2.72 -11.87
HB2 DPR A 9 2.95 5.46 -11.29
HB3 DPR A 9 3.40 4.37 -12.61
HG2 DPR A 9 5.08 4.83 -10.60
HG3 DPR A 9 4.94 3.22 -11.33
HD2 DPR A 9 3.83 4.23 -8.74
HD3 DPR A 9 4.53 2.66 -9.14
CAA 4G6 A 10 -2.43 3.65 -12.73
CAF 4G6 A 10 -1.54 4.38 -11.74
CAB 4G6 A 10 -1.49 5.83 -12.17
NAD 4G6 A 10 -0.20 3.78 -11.75
CAE 4G6 A 10 -2.14 4.25 -10.34
N 4G6 A 10 -1.87 2.92 -9.82
HAC 4G6 A 10 -2.51 2.61 -12.45
HAB 4G6 A 10 -3.41 4.10 -12.74
HAA 4G6 A 10 -2.00 3.72 -13.73
HAF 4G6 A 10 -1.94 5.95 -13.14
HAD 4G6 A 10 -0.45 6.18 -12.17
HAE 4G6 A 10 -2.03 6.41 -11.47
HAL 4G6 A 10 -0.03 3.02 -12.35
HAH 4G6 A 10 -3.21 4.41 -10.38
HAG 4G6 A 10 -1.68 4.99 -9.70
H 4G6 A 10 -0.96 2.56 -9.94
C ACE B 1 1.97 -7.14 2.93
O ACE B 1 0.84 -7.27 2.45
CH3 ACE B 1 3.12 -6.71 2.07
H1 ACE B 1 3.76 -6.05 2.64
H2 ACE B 1 2.75 -6.19 1.21
H3 ACE B 1 3.66 -7.60 1.75
N LYS B 2 2.23 -7.38 4.21
CA LYS B 2 1.19 -7.78 5.14
C LYS B 2 0.38 -6.57 5.59
N ASN B 3 1.07 -5.59 6.17
CA ASN B 3 0.42 -4.36 6.61
C ASN B 3 0.61 -3.26 5.57
N VAL B 4 1.24 -3.63 4.47
CA VAL B 4 1.47 -2.72 3.37
C VAL B 4 0.52 -3.05 2.24
N LEU B 5 -0.39 -2.15 1.93
CA LEU B 5 -1.36 -2.36 0.88
C LEU B 5 -1.00 -1.52 -0.33
N A1CCQ B 6 -0.94 -2.14 -1.50
CA A1CCQ B 6 -0.51 -1.44 -2.72
C A1CCQ B 6 -1.69 -1.08 -3.62
O A1CCQ B 6 -2.59 -1.88 -3.84
CB A1CCQ B 6 0.42 -2.43 -3.44
CG A1CCQ B 6 1.72 -2.68 -2.70
CD1 A1CCQ B 6 2.75 -1.77 -2.73
CD2 A1CCQ B 6 1.91 -3.85 -1.96
CE1 A1CCQ B 6 3.94 -2.00 -2.06
CE2 A1CCQ B 6 3.09 -4.09 -1.28
CZ A1CCQ B 6 4.11 -3.15 -1.33
OH A1CCQ B 6 5.28 -3.39 -0.67
NM A1CCQ B 6 -1.31 -3.52 -1.63
HA A1CCQ B 6 0.04 -0.54 -2.49
HB3 A1CCQ B 6 -0.08 -3.38 -3.55
H1 A1CCQ B 6 0.67 -2.04 -4.41
HD1 A1CCQ B 6 2.63 -0.86 -3.30
HD2 A1CCQ B 6 1.11 -4.58 -1.92
HE1 A1CCQ B 6 4.74 -1.27 -2.12
HE2 A1CCQ B 6 3.22 -5.00 -0.71
HH A1CCQ B 6 5.56 -4.30 -0.80
HM2 A1CCQ B 6 -0.57 -3.92 -1.41
HM1 A1CCQ B 6 -1.61 -3.55 -2.45
N ARG B 7 -1.67 0.15 -4.12
CA ARG B 7 -2.74 0.64 -4.98
C ARG B 7 -2.17 1.03 -6.33
N ARG B 8 -2.76 0.52 -7.40
CA ARG B 8 -2.29 0.81 -8.73
C ARG B 8 -2.76 2.18 -9.19
#